data_6H80
#
_entry.id   6H80
#
_cell.length_a   165.080
_cell.length_b   181.250
_cell.length_c   57.920
_cell.angle_alpha   90.00
_cell.angle_beta   90.00
_cell.angle_gamma   90.00
#
_symmetry.space_group_name_H-M   'C 2 2 21'
#
loop_
_entity.id
_entity.type
_entity.pdbx_description
1 polymer 'Genome polyprotein'
2 non-polymer '2-(4-methoxy-3-thiophen-2-yl-phenyl)ethanoic acid'
3 non-polymer 'ZINC ION'
4 non-polymer DI(HYDROXYETHYL)ETHER
5 water water
#
_entity_poly.entity_id   1
_entity_poly.type   'polypeptide(L)'
_entity_poly.pdbx_seq_one_letter_code
;GSHMLDNMDVIGERIKRIKEEHNSTWHYDDENPYKTWAYHGSYEVKATGSASSMINGVVKLLTKPWDVVPMVTQMAMTDT
TPFGQQRVFKEKVDTRTPRPLPGTRKVMEITAEWLWRTLGRNKRPRLCTREEFTKKVRTNAAMGAVFTEENQWDSAKAAV
EDEEFWKLVDRERELHKLGKCGSCVYNMMGKREKKLGEFGKAKGSRAIWYMWLGVRYLEFEALGFLNEDHWFSRENSYSG
VEGEGLHKLGYILRDISKIPGGAMYADDTAGWDTRITEDDLHNEEKIIQQMDPEHRQLANAIFKLTYQNKVVKVQRPTPT
GTVMDIISRKDQRGSGQVGTYGLNTFTNMEAQLVRQMEGEGVLTKADLENPHLLEKKITQWLETKGVERLKRMAISGDDC
VVKPIDDRFANALLALNDMGKVRKDIPQWQPSKGWHDWQQVPFCSHHFHELIMKDGRKLVVPCRPQDELIGRARISQGAG
WSLRETACLGKAYAQMWSLMYFHRRDLRLASNAICSAVPVHWVPTSRTTWSIHAHHQWMTTEDMLTVWNRVWIEENPWME
DKTPVTTWENVPYLGKREDQWCGSLIGLTSRATWAQNIPTAIQQVRSLIGNEEFLDYMPSMKRFRKEEESEGAIW
;
_entity_poly.pdbx_strand_id   A
#
loop_
_chem_comp.id
_chem_comp.type
_chem_comp.name
_chem_comp.formula
5V5 non-polymer '2-(4-methoxy-3-thiophen-2-yl-phenyl)ethanoic acid' 'C13 H12 O3 S'
PEG non-polymer DI(HYDROXYETHYL)ETHER 'C4 H10 O3'
ZN non-polymer 'ZINC ION' 'Zn 2'
#
# COMPACT_ATOMS: atom_id res chain seq x y z
N ASN A 7 10.89 1.41 -29.93
CA ASN A 7 11.81 0.69 -29.02
C ASN A 7 12.97 1.59 -28.60
N MET A 8 14.08 1.44 -29.34
CA MET A 8 15.42 1.99 -29.07
C MET A 8 15.51 3.51 -29.03
N ASP A 9 14.69 4.21 -29.80
CA ASP A 9 14.84 5.68 -29.77
C ASP A 9 14.60 6.18 -28.36
N VAL A 10 13.54 5.72 -27.73
CA VAL A 10 13.16 6.15 -26.36
C VAL A 10 14.11 5.61 -25.29
N ILE A 11 14.55 4.37 -25.37
CA ILE A 11 15.37 3.82 -24.26
C ILE A 11 16.84 3.75 -24.62
N GLY A 12 17.22 4.09 -25.84
CA GLY A 12 18.63 3.87 -26.21
C GLY A 12 19.61 4.62 -25.34
N GLU A 13 19.40 5.91 -25.17
CA GLU A 13 20.37 6.74 -24.43
C GLU A 13 20.51 6.17 -23.04
N ARG A 14 19.41 5.75 -22.45
CA ARG A 14 19.51 5.24 -21.06
C ARG A 14 20.41 4.02 -21.06
N ILE A 15 20.24 3.16 -22.06
CA ILE A 15 21.04 1.91 -22.12
C ILE A 15 22.51 2.24 -22.34
N LYS A 16 22.80 3.19 -23.23
CA LYS A 16 24.21 3.51 -23.58
C LYS A 16 24.97 3.96 -22.35
N ARG A 17 24.34 4.76 -21.51
CA ARG A 17 25.13 5.23 -20.36
C ARG A 17 25.52 4.02 -19.51
N ILE A 18 24.62 3.09 -19.24
CA ILE A 18 25.05 1.98 -18.37
C ILE A 18 26.15 1.15 -19.03
N LYS A 19 26.00 0.83 -20.32
CA LYS A 19 27.03 -0.02 -20.97
C LYS A 19 28.38 0.71 -21.02
N GLU A 20 28.38 1.96 -21.46
CA GLU A 20 29.63 2.74 -21.58
C GLU A 20 30.22 2.86 -20.18
N GLU A 21 29.40 3.13 -19.18
CA GLU A 21 29.96 3.23 -17.82
C GLU A 21 30.47 1.88 -17.36
N HIS A 22 29.97 0.81 -17.96
CA HIS A 22 30.41 -0.52 -17.49
C HIS A 22 31.08 -1.26 -18.63
N ASN A 23 32.13 -0.67 -19.21
CA ASN A 23 32.94 -1.40 -20.20
C ASN A 23 33.86 -2.36 -19.42
N SER A 24 33.90 -2.15 -18.12
CA SER A 24 34.73 -2.99 -17.22
C SER A 24 34.25 -4.45 -17.30
N THR A 25 32.95 -4.66 -17.49
CA THR A 25 32.47 -6.05 -17.60
C THR A 25 31.19 -6.06 -18.40
N TRP A 26 31.19 -5.61 -19.64
CA TRP A 26 29.87 -5.60 -20.34
C TRP A 26 29.81 -6.75 -21.29
N HIS A 27 28.97 -7.72 -20.98
CA HIS A 27 28.82 -8.91 -21.83
C HIS A 27 27.35 -9.15 -22.10
N TYR A 28 27.11 -9.88 -23.16
CA TYR A 28 25.74 -10.30 -23.47
C TYR A 28 25.69 -11.77 -23.08
N ASP A 29 24.76 -12.13 -22.22
CA ASP A 29 24.64 -13.54 -21.84
C ASP A 29 23.58 -14.16 -22.73
N ASP A 30 23.83 -15.33 -23.31
CA ASP A 30 22.79 -15.95 -24.16
C ASP A 30 21.97 -16.93 -23.31
N GLU A 31 22.35 -17.00 -22.04
CA GLU A 31 21.74 -17.85 -21.00
C GLU A 31 20.76 -17.01 -20.17
N ASN A 32 20.39 -15.84 -20.69
CA ASN A 32 19.50 -14.92 -19.95
C ASN A 32 18.09 -15.51 -19.94
N PRO A 33 17.43 -15.56 -18.78
CA PRO A 33 16.10 -16.13 -18.68
C PRO A 33 14.94 -15.23 -19.09
N TYR A 34 15.14 -14.26 -19.97
CA TYR A 34 14.10 -13.26 -20.33
C TYR A 34 13.33 -13.70 -21.56
N LYS A 35 12.10 -14.12 -21.32
CA LYS A 35 11.19 -14.57 -22.39
C LYS A 35 10.25 -13.43 -22.77
N THR A 36 9.87 -12.59 -21.82
CA THR A 36 8.91 -11.51 -22.17
C THR A 36 9.58 -10.14 -22.23
N TRP A 37 10.41 -9.80 -21.25
CA TRP A 37 11.11 -8.50 -21.26
C TRP A 37 12.22 -8.53 -22.29
N ALA A 38 12.55 -7.39 -22.89
CA ALA A 38 13.71 -7.33 -23.80
C ALA A 38 15.00 -7.36 -22.97
N TYR A 39 16.01 -8.07 -23.44
CA TYR A 39 17.32 -8.19 -22.74
C TYR A 39 18.35 -7.41 -23.53
N HIS A 40 19.12 -6.58 -22.85
CA HIS A 40 20.13 -5.76 -23.57
C HIS A 40 21.54 -6.26 -23.26
N GLY A 41 21.81 -6.61 -22.01
CA GLY A 41 23.13 -7.10 -21.58
C GLY A 41 23.25 -7.11 -20.07
N SER A 42 24.45 -7.36 -19.54
CA SER A 42 24.63 -7.31 -18.07
C SER A 42 26.09 -7.05 -17.67
N TYR A 43 26.31 -6.87 -16.37
CA TYR A 43 27.64 -6.52 -15.82
C TYR A 43 27.82 -7.13 -14.44
N GLU A 44 29.04 -7.42 -14.02
CA GLU A 44 29.25 -8.06 -12.69
C GLU A 44 29.09 -7.05 -11.57
N VAL A 45 28.55 -7.49 -10.43
CA VAL A 45 28.32 -6.64 -9.21
C VAL A 45 28.63 -7.47 -7.95
N LYS A 46 28.48 -6.88 -6.76
CA LYS A 46 28.82 -7.59 -5.51
C LYS A 46 27.59 -7.71 -4.60
N MET A 54 17.52 -10.09 11.31
CA MET A 54 17.93 -10.35 12.71
C MET A 54 16.70 -10.33 13.61
N ILE A 55 16.65 -11.24 14.57
CA ILE A 55 15.50 -11.24 15.51
C ILE A 55 15.62 -10.07 16.48
N ASN A 56 14.50 -9.55 16.93
CA ASN A 56 14.53 -8.46 17.92
C ASN A 56 14.53 -9.14 19.28
N GLY A 57 15.66 -9.12 19.94
CA GLY A 57 15.82 -9.83 21.22
C GLY A 57 14.87 -9.33 22.29
N VAL A 58 14.59 -8.04 22.33
CA VAL A 58 13.71 -7.59 23.44
C VAL A 58 12.33 -8.20 23.26
N VAL A 59 11.79 -8.10 22.07
CA VAL A 59 10.43 -8.63 21.82
C VAL A 59 10.42 -10.15 21.98
N LYS A 60 11.44 -10.82 21.49
CA LYS A 60 11.46 -12.29 21.57
C LYS A 60 11.45 -12.73 23.02
N LEU A 61 12.23 -12.09 23.86
CA LEU A 61 12.31 -12.48 25.28
C LEU A 61 10.96 -12.32 25.95
N LEU A 62 10.18 -11.34 25.53
CA LEU A 62 8.89 -11.07 26.19
C LEU A 62 7.74 -11.85 25.54
N THR A 63 8.01 -12.65 24.52
CA THR A 63 6.97 -13.48 23.89
C THR A 63 7.47 -14.91 23.76
N LYS A 64 7.81 -15.53 24.89
CA LYS A 64 8.40 -16.88 24.94
C LYS A 64 7.45 -17.92 24.36
N PRO A 65 6.14 -17.87 24.64
CA PRO A 65 5.22 -18.85 24.16
C PRO A 65 5.14 -18.90 22.63
N TRP A 66 5.54 -17.82 22.00
CA TRP A 66 5.46 -17.75 20.53
C TRP A 66 6.75 -18.22 19.91
N ASP A 67 7.67 -18.69 20.74
CA ASP A 67 8.96 -19.20 20.22
C ASP A 67 8.65 -20.39 19.33
N VAL A 68 7.70 -21.21 19.74
CA VAL A 68 7.35 -22.42 18.93
C VAL A 68 6.61 -22.11 17.62
N VAL A 69 5.56 -21.29 17.69
CA VAL A 69 4.57 -21.08 16.60
C VAL A 69 5.19 -20.99 15.22
N PRO A 70 4.74 -21.82 14.28
CA PRO A 70 5.28 -21.91 12.94
C PRO A 70 5.26 -20.63 12.11
N MET A 71 4.17 -19.88 12.16
CA MET A 71 4.12 -18.64 11.38
C MET A 71 5.19 -17.67 11.90
N VAL A 72 5.41 -17.65 13.20
CA VAL A 72 6.44 -16.75 13.77
C VAL A 72 7.82 -17.18 13.29
N THR A 73 8.12 -18.46 13.31
CA THR A 73 9.42 -18.95 12.82
C THR A 73 9.53 -18.66 11.33
N GLN A 74 8.46 -18.82 10.59
CA GLN A 74 8.54 -18.60 9.14
C GLN A 74 8.91 -17.16 8.83
N MET A 75 8.30 -16.20 9.51
CA MET A 75 8.61 -14.77 9.24
C MET A 75 10.05 -14.43 9.59
N ALA A 76 10.65 -15.11 10.55
CA ALA A 76 12.04 -14.77 10.90
C ALA A 76 12.95 -15.25 9.77
N MET A 77 12.53 -16.27 9.05
CA MET A 77 13.36 -16.82 7.95
C MET A 77 12.91 -16.24 6.61
N LYS A 90 10.47 -13.06 -10.27
CA LYS A 90 10.39 -12.74 -11.72
C LYS A 90 9.62 -13.86 -12.45
N GLU A 91 9.29 -14.93 -11.73
CA GLU A 91 8.55 -16.06 -12.35
C GLU A 91 7.19 -15.56 -12.81
N LYS A 92 6.51 -14.76 -11.97
CA LYS A 92 5.18 -14.17 -12.27
C LYS A 92 5.36 -12.86 -13.06
N VAL A 93 6.45 -12.16 -12.84
CA VAL A 93 6.70 -10.90 -13.56
C VAL A 93 6.92 -11.16 -15.05
N ASP A 94 7.53 -12.27 -15.42
CA ASP A 94 7.80 -12.47 -16.86
C ASP A 94 6.64 -13.15 -17.58
N THR A 95 5.55 -12.44 -17.75
CA THR A 95 4.40 -12.99 -18.50
C THR A 95 3.84 -11.91 -19.40
N ARG A 96 2.94 -12.32 -20.26
CA ARG A 96 2.28 -11.35 -21.16
C ARG A 96 0.79 -11.42 -20.88
N THR A 97 0.09 -10.30 -21.02
CA THR A 97 -1.35 -10.23 -20.76
C THR A 97 -2.02 -10.08 -22.12
N PRO A 98 -3.03 -10.89 -22.48
CA PRO A 98 -3.65 -10.79 -23.78
C PRO A 98 -4.31 -9.43 -23.94
N ARG A 99 -4.20 -8.86 -25.12
CA ARG A 99 -4.76 -7.53 -25.35
C ARG A 99 -6.27 -7.59 -25.15
N PRO A 100 -6.87 -6.63 -24.44
CA PRO A 100 -8.29 -6.59 -24.27
C PRO A 100 -8.94 -6.38 -25.63
N LEU A 101 -10.17 -6.82 -25.75
CA LEU A 101 -10.97 -6.77 -26.99
C LEU A 101 -11.29 -5.33 -27.32
N PRO A 102 -11.72 -5.05 -28.55
CA PRO A 102 -11.97 -3.70 -28.97
C PRO A 102 -13.11 -3.01 -28.22
N GLY A 103 -14.19 -3.72 -27.96
CA GLY A 103 -15.30 -3.13 -27.22
C GLY A 103 -14.86 -2.82 -25.81
N THR A 104 -14.09 -3.70 -25.24
CA THR A 104 -13.60 -3.49 -23.87
C THR A 104 -12.77 -2.22 -23.86
N ARG A 105 -11.94 -2.07 -24.86
CA ARG A 105 -11.03 -0.92 -24.94
C ARG A 105 -11.86 0.33 -25.04
N LYS A 106 -12.93 0.32 -25.82
CA LYS A 106 -13.76 1.54 -25.93
C LYS A 106 -14.39 1.83 -24.57
N VAL A 107 -14.88 0.81 -23.87
CA VAL A 107 -15.54 1.01 -22.55
C VAL A 107 -14.52 1.55 -21.55
N MET A 108 -13.32 1.03 -21.54
CA MET A 108 -12.32 1.53 -20.58
C MET A 108 -12.02 2.98 -20.88
N GLU A 109 -11.94 3.33 -22.15
CA GLU A 109 -11.63 4.71 -22.54
C GLU A 109 -12.72 5.66 -22.10
N ILE A 110 -13.97 5.33 -22.36
CA ILE A 110 -15.07 6.24 -21.95
C ILE A 110 -15.08 6.37 -20.44
N THR A 111 -14.87 5.28 -19.72
CA THR A 111 -14.88 5.27 -18.25
C THR A 111 -13.73 6.09 -17.69
N ALA A 112 -12.55 5.96 -18.26
CA ALA A 112 -11.39 6.70 -17.76
C ALA A 112 -11.60 8.21 -17.90
N GLU A 113 -12.14 8.65 -19.03
CA GLU A 113 -12.39 10.07 -19.27
C GLU A 113 -13.41 10.57 -18.26
N TRP A 114 -14.47 9.82 -18.00
CA TRP A 114 -15.47 10.26 -17.00
C TRP A 114 -14.85 10.32 -15.62
N LEU A 115 -14.08 9.32 -15.24
CA LEU A 115 -13.47 9.28 -13.90
C LEU A 115 -12.46 10.41 -13.74
N TRP A 116 -11.60 10.63 -14.70
CA TRP A 116 -10.60 11.71 -14.55
C TRP A 116 -11.32 13.05 -14.40
N ARG A 117 -12.37 13.29 -15.17
CA ARG A 117 -13.09 14.56 -15.03
C ARG A 117 -13.73 14.65 -13.66
N THR A 118 -14.27 13.55 -13.17
CA THR A 118 -14.90 13.50 -11.85
C THR A 118 -13.88 13.81 -10.76
N LEU A 119 -12.70 13.22 -10.84
CA LEU A 119 -11.64 13.42 -9.82
C LEU A 119 -11.16 14.86 -9.87
N GLY A 120 -11.24 15.48 -11.03
CA GLY A 120 -10.73 16.84 -11.22
C GLY A 120 -11.79 17.89 -11.10
N ARG A 121 -12.97 17.54 -10.61
CA ARG A 121 -14.08 18.51 -10.56
C ARG A 121 -13.72 19.73 -9.69
N ASN A 122 -13.05 19.52 -8.56
CA ASN A 122 -12.72 20.63 -7.65
C ASN A 122 -11.24 20.95 -7.65
N LYS A 123 -10.38 19.95 -7.83
CA LYS A 123 -8.94 20.20 -7.78
C LYS A 123 -8.35 20.40 -9.18
N ARG A 124 -7.23 21.08 -9.25
CA ARG A 124 -6.51 21.32 -10.51
C ARG A 124 -5.15 20.69 -10.34
N PRO A 125 -4.61 19.97 -11.33
CA PRO A 125 -3.31 19.38 -11.21
C PRO A 125 -2.25 20.46 -11.11
N ARG A 126 -1.13 20.17 -10.46
CA ARG A 126 -0.06 21.17 -10.39
C ARG A 126 1.27 20.47 -10.19
N LEU A 127 2.36 21.17 -10.48
CA LEU A 127 3.70 20.62 -10.26
C LEU A 127 4.04 20.61 -8.79
N CYS A 128 4.80 19.62 -8.38
CA CYS A 128 5.36 19.54 -7.02
C CYS A 128 6.75 20.14 -7.07
N THR A 129 7.30 20.48 -5.92
CA THR A 129 8.53 21.29 -5.97
C THR A 129 9.69 20.65 -5.22
N ARG A 130 10.87 21.19 -5.40
CA ARG A 130 12.09 20.73 -4.71
C ARG A 130 11.92 20.92 -3.21
N GLU A 131 11.30 22.01 -2.81
CA GLU A 131 11.12 22.24 -1.37
C GLU A 131 10.19 21.18 -0.79
N GLU A 132 9.09 20.88 -1.46
CA GLU A 132 8.12 19.90 -0.95
C GLU A 132 8.82 18.55 -0.81
N PHE A 133 9.55 18.16 -1.82
CA PHE A 133 10.28 16.87 -1.83
C PHE A 133 11.37 16.86 -0.77
N THR A 134 12.08 17.97 -0.61
CA THR A 134 13.16 18.04 0.39
C THR A 134 12.54 17.84 1.77
N LYS A 135 11.48 18.56 2.05
CA LYS A 135 10.78 18.46 3.35
C LYS A 135 10.25 17.04 3.53
N LYS A 136 9.84 16.36 2.48
CA LYS A 136 9.31 15.02 2.75
C LYS A 136 10.48 14.14 3.15
N VAL A 137 11.56 14.24 2.41
CA VAL A 137 12.71 13.33 2.68
C VAL A 137 13.20 13.53 4.11
N ARG A 138 13.34 14.77 4.54
CA ARG A 138 13.89 15.06 5.88
C ARG A 138 12.99 14.48 6.95
N THR A 139 11.74 14.16 6.63
CA THR A 139 10.88 13.64 7.71
C THR A 139 10.37 12.26 7.35
N ASN A 140 11.20 11.41 6.79
CA ASN A 140 10.75 10.04 6.44
C ASN A 140 11.86 9.05 6.75
N ASP A 154 16.07 6.84 3.95
CA ASP A 154 17.50 7.23 4.09
C ASP A 154 18.32 6.57 2.98
N SER A 155 19.62 6.89 2.88
CA SER A 155 20.26 8.18 3.26
C SER A 155 20.16 9.16 2.09
N ALA A 156 18.95 9.55 1.73
CA ALA A 156 18.81 10.51 0.63
C ALA A 156 18.85 11.92 1.21
N LYS A 157 18.83 12.02 2.55
CA LYS A 157 18.83 13.32 3.23
C LYS A 157 20.10 14.05 2.81
N ALA A 158 21.20 13.33 2.77
CA ALA A 158 22.48 13.93 2.36
C ALA A 158 22.37 14.35 0.89
N ALA A 159 21.67 13.56 0.12
CA ALA A 159 21.55 13.81 -1.34
C ALA A 159 20.81 15.11 -1.59
N VAL A 160 19.75 15.37 -0.83
CA VAL A 160 18.89 16.56 -1.08
C VAL A 160 19.53 17.79 -0.46
N GLU A 161 20.57 17.59 0.32
CA GLU A 161 21.25 18.73 0.95
C GLU A 161 22.41 19.19 0.06
N ASP A 162 22.63 18.50 -1.05
CA ASP A 162 23.75 18.86 -1.95
C ASP A 162 23.16 19.42 -3.23
N GLU A 163 23.66 20.58 -3.66
CA GLU A 163 23.23 21.30 -4.87
C GLU A 163 23.59 20.50 -6.10
N GLU A 164 24.60 19.65 -5.98
CA GLU A 164 25.03 18.86 -7.14
C GLU A 164 23.88 17.95 -7.55
N PHE A 165 23.16 17.43 -6.57
CA PHE A 165 22.04 16.52 -6.88
C PHE A 165 21.00 17.26 -7.70
N TRP A 166 20.64 18.45 -7.26
CA TRP A 166 19.66 19.30 -7.95
C TRP A 166 20.20 19.73 -9.30
N LYS A 167 21.51 19.77 -9.45
CA LYS A 167 22.06 20.18 -10.76
C LYS A 167 21.76 19.11 -11.81
N LEU A 168 21.96 17.85 -11.48
CA LEU A 168 21.68 16.73 -12.41
C LEU A 168 20.18 16.68 -12.69
N VAL A 169 19.39 16.94 -11.67
CA VAL A 169 17.94 16.89 -11.84
C VAL A 169 17.58 17.92 -12.89
N ASP A 170 18.20 19.09 -12.81
CA ASP A 170 17.91 20.13 -13.82
C ASP A 170 18.29 19.53 -15.16
N ARG A 171 19.26 18.63 -15.16
CA ARG A 171 19.71 17.95 -16.41
C ARG A 171 18.74 16.92 -17.04
N GLU A 172 18.21 15.82 -16.40
CA GLU A 172 17.20 14.90 -17.08
C GLU A 172 16.03 15.83 -17.41
N ARG A 173 15.77 16.82 -16.56
CA ARG A 173 14.59 17.67 -16.83
C ARG A 173 14.75 18.38 -18.16
N GLU A 174 15.91 18.94 -18.45
CA GLU A 174 16.00 19.60 -19.76
C GLU A 174 15.80 18.53 -20.83
N LEU A 175 16.36 17.36 -20.58
CA LEU A 175 16.29 16.20 -21.49
C LEU A 175 14.88 15.66 -21.49
N HIS A 176 14.30 15.39 -20.30
CA HIS A 176 12.92 14.82 -20.17
C HIS A 176 11.96 15.83 -20.93
N LYS A 177 12.20 17.15 -20.96
CA LYS A 177 11.49 18.19 -21.73
C LYS A 177 11.73 18.18 -23.25
N LEU A 178 12.83 17.63 -23.77
CA LEU A 178 12.98 17.65 -25.24
C LEU A 178 12.43 16.35 -25.81
N GLY A 179 11.85 15.53 -24.95
CA GLY A 179 11.40 14.20 -25.39
C GLY A 179 12.39 13.10 -25.08
N LYS A 180 13.28 13.25 -24.09
CA LYS A 180 14.25 12.16 -23.82
C LYS A 180 14.62 12.08 -22.33
N CYS A 181 15.11 10.93 -21.90
CA CYS A 181 15.70 10.87 -20.56
C CYS A 181 16.99 10.09 -20.70
N GLY A 182 17.87 10.31 -19.77
CA GLY A 182 19.17 9.65 -19.97
C GLY A 182 19.51 8.80 -18.79
N SER A 183 18.91 9.05 -17.64
CA SER A 183 19.25 8.23 -16.46
C SER A 183 17.99 7.83 -15.71
N CYS A 184 16.84 8.08 -16.32
CA CYS A 184 15.57 7.87 -15.59
C CYS A 184 15.31 6.32 -15.63
N VAL A 185 15.95 5.50 -14.77
CA VAL A 185 15.80 4.00 -14.76
C VAL A 185 15.48 3.43 -13.37
N TYR A 186 14.91 2.22 -13.28
CA TYR A 186 14.51 1.63 -11.97
C TYR A 186 15.07 0.22 -11.74
N ASN A 187 14.95 -0.29 -10.50
CA ASN A 187 15.47 -1.64 -10.15
C ASN A 187 14.48 -2.50 -9.38
N MET A 188 14.79 -3.79 -9.32
CA MET A 188 13.99 -4.82 -8.63
C MET A 188 14.88 -5.55 -7.62
N SER A 205 27.33 4.64 -1.92
CA SER A 205 28.53 5.50 -2.03
C SER A 205 29.03 5.50 -3.48
N ARG A 206 28.16 5.10 -4.40
CA ARG A 206 28.44 5.22 -5.85
C ARG A 206 27.42 6.25 -6.33
N ALA A 207 27.82 7.12 -7.26
CA ALA A 207 27.04 8.29 -7.71
C ALA A 207 25.80 7.87 -8.49
N ILE A 208 25.62 6.57 -8.72
CA ILE A 208 24.45 6.04 -9.49
C ILE A 208 23.18 6.30 -8.69
N TRP A 209 23.35 6.38 -7.39
CA TRP A 209 22.23 6.56 -6.45
C TRP A 209 21.54 7.88 -6.73
N TYR A 210 22.32 8.89 -7.11
CA TYR A 210 21.79 10.23 -7.39
C TYR A 210 20.86 10.14 -8.59
N MET A 211 21.25 9.38 -9.59
CA MET A 211 20.39 9.24 -10.79
C MET A 211 19.07 8.61 -10.38
N TRP A 212 19.10 7.60 -9.54
CA TRP A 212 17.84 6.91 -9.15
C TRP A 212 16.97 7.90 -8.40
N LEU A 213 17.52 8.56 -7.40
CA LEU A 213 16.71 9.51 -6.62
C LEU A 213 16.23 10.62 -7.54
N GLY A 214 17.03 11.00 -8.53
CA GLY A 214 16.64 12.06 -9.46
C GLY A 214 15.43 11.68 -10.25
N VAL A 215 15.37 10.44 -10.68
CA VAL A 215 14.19 10.00 -11.46
C VAL A 215 12.98 10.06 -10.57
N ARG A 216 13.14 9.71 -9.31
CA ARG A 216 11.99 9.73 -8.40
C ARG A 216 11.52 11.17 -8.21
N TYR A 217 12.45 12.10 -8.05
CA TYR A 217 12.02 13.50 -7.86
C TYR A 217 11.30 13.98 -9.09
N LEU A 218 11.82 13.66 -10.25
CA LEU A 218 11.16 14.12 -11.49
C LEU A 218 9.78 13.50 -11.54
N GLU A 219 9.63 12.26 -11.16
CA GLU A 219 8.29 11.66 -11.18
C GLU A 219 7.39 12.38 -10.18
N PHE A 220 7.93 12.71 -9.02
CA PHE A 220 7.15 13.41 -7.97
C PHE A 220 6.75 14.79 -8.44
N GLU A 221 7.65 15.47 -9.12
CA GLU A 221 7.36 16.83 -9.58
C GLU A 221 6.17 16.79 -10.53
N ALA A 222 6.20 15.87 -11.49
CA ALA A 222 5.13 15.70 -12.48
C ALA A 222 3.85 15.08 -11.94
N LEU A 223 3.92 14.05 -11.09
CA LEU A 223 2.69 13.34 -10.71
C LEU A 223 2.45 13.28 -9.21
N GLY A 224 3.30 13.90 -8.42
CA GLY A 224 3.16 13.87 -6.97
C GLY A 224 1.88 14.50 -6.49
N PHE A 225 1.27 15.35 -7.28
CA PHE A 225 0.05 16.08 -6.88
C PHE A 225 -1.09 15.11 -6.60
N LEU A 226 -1.06 13.92 -7.16
CA LEU A 226 -2.15 12.95 -6.89
C LEU A 226 -2.14 12.59 -5.41
N ASN A 227 -0.97 12.41 -4.83
CA ASN A 227 -0.90 12.09 -3.39
C ASN A 227 -0.92 13.37 -2.56
N GLU A 228 -0.12 14.36 -2.92
CA GLU A 228 0.03 15.60 -2.14
C GLU A 228 -1.28 16.37 -2.02
N ASP A 229 -2.10 16.37 -3.05
CA ASP A 229 -3.40 17.08 -3.06
C ASP A 229 -4.56 16.14 -2.82
N HIS A 230 -4.28 14.93 -2.36
CA HIS A 230 -5.33 13.96 -1.95
C HIS A 230 -6.38 13.69 -3.01
N TRP A 231 -5.98 13.41 -4.24
CA TRP A 231 -6.97 13.11 -5.29
C TRP A 231 -7.72 11.83 -4.95
N PHE A 232 -7.12 10.95 -4.17
CA PHE A 232 -7.75 9.65 -3.88
C PHE A 232 -8.31 9.57 -2.47
N SER A 233 -8.50 10.72 -1.86
CA SER A 233 -9.18 10.77 -0.54
C SER A 233 -10.63 10.36 -0.75
N ARG A 234 -11.32 9.91 0.29
CA ARG A 234 -12.71 9.45 0.13
C ARG A 234 -13.61 10.59 -0.33
N GLU A 235 -13.40 11.77 0.19
CA GLU A 235 -14.25 12.89 -0.23
C GLU A 235 -14.02 13.21 -1.70
N ASN A 236 -12.78 13.26 -2.14
CA ASN A 236 -12.57 13.54 -3.58
C ASN A 236 -12.91 12.38 -4.51
N SER A 237 -12.48 11.18 -4.20
CA SER A 237 -12.63 10.06 -5.17
C SER A 237 -13.86 9.20 -4.99
N TYR A 238 -14.53 9.29 -3.85
CA TYR A 238 -15.70 8.47 -3.45
C TYR A 238 -15.31 7.05 -3.04
N SER A 239 -14.55 6.33 -3.85
CA SER A 239 -14.14 4.95 -3.57
C SER A 239 -12.83 4.89 -2.82
N GLY A 240 -12.07 5.95 -2.89
CA GLY A 240 -10.73 5.99 -2.28
C GLY A 240 -10.73 6.05 -0.78
N VAL A 241 -9.63 5.68 -0.18
CA VAL A 241 -9.45 5.76 1.29
C VAL A 241 -8.09 6.37 1.59
N GLU A 242 -7.53 7.13 0.68
CA GLU A 242 -6.19 7.70 0.91
C GLU A 242 -6.24 8.70 2.06
N GLY A 243 -5.36 8.52 3.03
CA GLY A 243 -5.27 9.39 4.19
C GLY A 243 -6.22 9.04 5.30
N GLU A 244 -7.13 8.09 5.09
CA GLU A 244 -8.06 7.74 6.17
C GLU A 244 -7.32 7.08 7.32
N GLY A 245 -6.47 6.11 7.03
CA GLY A 245 -5.78 5.40 8.11
C GLY A 245 -6.48 4.12 8.45
N LEU A 246 -5.76 3.17 9.01
CA LEU A 246 -6.28 1.82 9.32
C LEU A 246 -7.43 1.87 10.30
N HIS A 247 -7.40 2.77 11.27
CA HIS A 247 -8.46 2.86 12.29
C HIS A 247 -9.78 3.28 11.67
N LYS A 248 -9.77 3.90 10.51
CA LYS A 248 -11.03 4.32 9.89
C LYS A 248 -11.52 3.33 8.83
N LEU A 249 -10.71 2.41 8.36
CA LEU A 249 -11.17 1.55 7.25
C LEU A 249 -12.39 0.71 7.64
N GLY A 250 -12.41 0.23 8.87
CA GLY A 250 -13.51 -0.60 9.38
C GLY A 250 -14.81 0.16 9.40
N TYR A 251 -14.77 1.39 9.84
CA TYR A 251 -15.97 2.24 9.86
C TYR A 251 -16.42 2.45 8.43
N ILE A 252 -15.49 2.58 7.51
CA ILE A 252 -15.86 2.76 6.08
C ILE A 252 -16.58 1.53 5.53
N LEU A 253 -16.10 0.34 5.81
CA LEU A 253 -16.77 -0.90 5.36
C LEU A 253 -18.15 -1.00 5.98
N ARG A 254 -18.28 -0.68 7.26
CA ARG A 254 -19.59 -0.71 7.93
C ARG A 254 -20.53 0.29 7.25
N ASP A 255 -20.05 1.46 6.89
CA ASP A 255 -20.93 2.43 6.19
C ASP A 255 -21.33 1.85 4.84
N ILE A 256 -20.43 1.17 4.16
CA ILE A 256 -20.70 0.55 2.84
C ILE A 256 -21.79 -0.52 2.99
N SER A 257 -21.75 -1.27 4.09
CA SER A 257 -22.72 -2.34 4.37
C SER A 257 -24.14 -1.79 4.51
N LYS A 258 -24.29 -0.54 4.92
CA LYS A 258 -25.61 0.10 5.07
C LYS A 258 -26.27 0.26 3.71
N ILE A 259 -25.50 0.43 2.66
CA ILE A 259 -26.10 0.64 1.31
C ILE A 259 -26.88 -0.60 0.90
N PRO A 260 -28.12 -0.47 0.42
CA PRO A 260 -28.88 -1.62 0.00
C PRO A 260 -28.25 -2.22 -1.26
N GLY A 261 -28.31 -3.52 -1.39
CA GLY A 261 -27.75 -4.17 -2.56
C GLY A 261 -27.49 -5.60 -2.29
N GLY A 262 -26.52 -6.17 -2.97
CA GLY A 262 -26.13 -7.57 -2.82
C GLY A 262 -25.08 -7.71 -1.76
N ALA A 263 -24.31 -8.77 -1.83
CA ALA A 263 -23.24 -9.06 -0.86
C ALA A 263 -22.03 -8.17 -1.11
N MET A 264 -21.04 -8.26 -0.25
CA MET A 264 -19.82 -7.45 -0.36
C MET A 264 -18.74 -8.32 -0.95
N TYR A 265 -18.14 -7.89 -2.05
CA TYR A 265 -17.10 -8.67 -2.74
C TYR A 265 -15.71 -8.06 -2.54
N ALA A 266 -14.73 -8.89 -2.23
CA ALA A 266 -13.36 -8.43 -2.09
C ALA A 266 -12.46 -9.37 -2.88
N ASP A 267 -12.48 -9.28 -4.19
CA ASP A 267 -11.68 -10.23 -5.03
C ASP A 267 -10.23 -9.82 -5.13
N ASP A 268 -9.32 -10.74 -4.88
CA ASP A 268 -7.88 -10.47 -5.02
C ASP A 268 -7.48 -10.74 -6.46
N THR A 269 -6.65 -9.89 -7.04
CA THR A 269 -6.14 -10.05 -8.42
C THR A 269 -4.78 -10.70 -8.32
N ALA A 270 -4.46 -11.64 -9.18
CA ALA A 270 -3.12 -12.24 -9.08
C ALA A 270 -2.10 -11.28 -9.71
N GLY A 271 -1.09 -10.85 -8.97
CA GLY A 271 -0.04 -9.97 -9.51
C GLY A 271 -0.57 -8.76 -10.24
N TRP A 272 -1.23 -7.85 -9.53
CA TRP A 272 -1.92 -6.69 -10.16
C TRP A 272 -0.97 -5.86 -11.02
N ASP A 273 0.22 -5.59 -10.55
CA ASP A 273 1.21 -4.74 -11.25
C ASP A 273 1.58 -5.37 -12.58
N THR A 274 1.63 -6.69 -12.64
CA THR A 274 1.96 -7.38 -13.91
C THR A 274 0.76 -7.40 -14.83
N ARG A 275 -0.42 -7.05 -14.37
CA ARG A 275 -1.59 -7.12 -15.25
C ARG A 275 -1.93 -5.75 -15.83
N ILE A 276 -1.14 -4.74 -15.55
CA ILE A 276 -1.41 -3.39 -16.10
C ILE A 276 -1.02 -3.41 -17.57
N THR A 277 -1.95 -3.18 -18.45
CA THR A 277 -1.72 -3.23 -19.90
C THR A 277 -1.38 -1.87 -20.49
N GLU A 278 -0.99 -1.89 -21.76
CA GLU A 278 -0.64 -0.71 -22.56
C GLU A 278 -1.90 0.13 -22.64
N ASP A 279 -3.05 -0.52 -22.73
CA ASP A 279 -4.32 0.22 -22.75
C ASP A 279 -4.54 0.91 -21.40
N ASP A 280 -4.22 0.26 -20.30
CA ASP A 280 -4.43 0.92 -18.99
C ASP A 280 -3.54 2.15 -18.94
N LEU A 281 -2.30 2.04 -19.37
CA LEU A 281 -1.37 3.18 -19.32
C LEU A 281 -1.87 4.32 -20.20
N HIS A 282 -2.46 4.05 -21.38
N HIS A 282 -2.45 4.03 -21.35
CA HIS A 282 -2.94 5.21 -22.18
CA HIS A 282 -2.94 5.12 -22.21
C HIS A 282 -4.06 5.93 -21.42
C HIS A 282 -4.05 5.86 -21.45
N ASN A 283 -4.93 5.13 -20.81
CA ASN A 283 -6.07 5.69 -20.04
C ASN A 283 -5.56 6.49 -18.84
N GLU A 284 -4.54 6.00 -18.17
CA GLU A 284 -4.00 6.68 -16.98
C GLU A 284 -3.47 8.05 -17.38
N GLU A 285 -2.91 8.14 -18.58
CA GLU A 285 -2.24 9.35 -19.13
C GLU A 285 -3.24 10.42 -19.53
N LYS A 286 -4.53 10.14 -19.48
CA LYS A 286 -5.57 11.11 -19.87
C LYS A 286 -5.68 12.25 -18.85
N ILE A 287 -5.01 12.13 -17.73
CA ILE A 287 -5.00 13.19 -16.68
C ILE A 287 -4.23 14.39 -17.23
N ILE A 288 -3.46 14.15 -18.27
CA ILE A 288 -2.59 15.15 -18.93
C ILE A 288 -3.40 16.30 -19.50
N GLN A 289 -4.61 16.03 -19.97
CA GLN A 289 -5.48 17.05 -20.61
C GLN A 289 -5.90 18.12 -19.62
N GLN A 290 -5.71 17.89 -18.33
CA GLN A 290 -6.15 18.87 -17.32
C GLN A 290 -4.97 19.70 -16.84
N MET A 291 -3.77 19.41 -17.28
CA MET A 291 -2.63 20.18 -16.77
C MET A 291 -2.36 21.40 -17.62
N ASP A 292 -1.61 22.33 -17.04
CA ASP A 292 -1.11 23.55 -17.71
C ASP A 292 -0.03 23.11 -18.70
N PRO A 293 0.29 23.88 -19.73
CA PRO A 293 1.22 23.44 -20.74
C PRO A 293 2.59 23.10 -20.18
N GLU A 294 3.10 23.88 -19.26
CA GLU A 294 4.43 23.55 -18.71
C GLU A 294 4.36 22.21 -17.95
N HIS A 295 3.29 21.99 -17.21
CA HIS A 295 3.06 20.74 -16.45
C HIS A 295 2.81 19.57 -17.40
N ARG A 296 2.02 19.79 -18.44
CA ARG A 296 1.68 18.73 -19.40
C ARG A 296 2.95 18.20 -20.05
N GLN A 297 3.88 19.07 -20.36
CA GLN A 297 5.14 18.67 -21.02
C GLN A 297 5.92 17.70 -20.15
N LEU A 298 6.19 18.04 -18.90
CA LEU A 298 6.96 17.15 -18.02
C LEU A 298 6.23 15.86 -17.70
N ALA A 299 4.92 15.91 -17.47
CA ALA A 299 4.12 14.72 -17.11
C ALA A 299 4.11 13.77 -18.29
N ASN A 300 3.92 14.34 -19.47
CA ASN A 300 3.90 13.54 -20.70
C ASN A 300 5.24 12.84 -20.79
N ALA A 301 6.30 13.50 -20.39
CA ALA A 301 7.60 12.85 -20.48
C ALA A 301 7.63 11.66 -19.55
N ILE A 302 7.10 11.79 -18.36
CA ILE A 302 7.14 10.67 -17.39
C ILE A 302 6.37 9.47 -17.92
N PHE A 303 5.15 9.69 -18.40
CA PHE A 303 4.34 8.57 -18.93
C PHE A 303 4.99 7.96 -20.16
N LYS A 304 5.35 8.76 -21.14
CA LYS A 304 5.93 8.21 -22.37
C LYS A 304 7.28 7.56 -22.13
N LEU A 305 8.16 8.16 -21.37
CA LEU A 305 9.50 7.57 -21.32
C LEU A 305 9.77 6.67 -20.13
N THR A 306 8.99 6.76 -19.07
CA THR A 306 9.31 5.90 -17.92
C THR A 306 8.19 4.93 -17.56
N TYR A 307 6.96 5.18 -17.97
CA TYR A 307 5.86 4.26 -17.66
C TYR A 307 5.54 3.39 -18.89
N GLN A 308 5.32 4.03 -20.03
CA GLN A 308 5.02 3.34 -21.30
C GLN A 308 6.27 2.70 -21.87
N ASN A 309 7.44 3.08 -21.37
CA ASN A 309 8.71 2.44 -21.76
C ASN A 309 9.53 2.32 -20.49
N LYS A 310 10.20 1.21 -20.23
CA LYS A 310 10.99 1.20 -18.99
C LYS A 310 12.27 0.41 -19.17
N VAL A 311 13.26 0.74 -18.37
CA VAL A 311 14.59 0.09 -18.38
C VAL A 311 14.85 -0.33 -16.96
N VAL A 312 15.18 -1.59 -16.73
CA VAL A 312 15.29 -2.04 -15.32
C VAL A 312 16.57 -2.83 -15.09
N LYS A 313 16.95 -2.92 -13.83
CA LYS A 313 18.17 -3.59 -13.35
C LYS A 313 17.75 -4.68 -12.37
N VAL A 314 18.17 -5.93 -12.60
CA VAL A 314 17.82 -7.01 -11.63
C VAL A 314 19.08 -7.73 -11.17
N GLN A 315 19.09 -8.14 -9.92
CA GLN A 315 20.27 -8.84 -9.35
C GLN A 315 20.06 -10.36 -9.46
N THR A 322 27.62 -13.33 -9.02
CA THR A 322 26.44 -12.43 -8.99
C THR A 322 26.57 -11.39 -10.10
N VAL A 323 25.46 -11.01 -10.73
CA VAL A 323 25.56 -10.03 -11.84
C VAL A 323 24.29 -9.20 -11.96
N MET A 324 24.28 -8.19 -12.83
CA MET A 324 23.09 -7.31 -13.02
C MET A 324 22.64 -7.36 -14.47
N ASP A 325 21.32 -7.34 -14.66
CA ASP A 325 20.75 -7.46 -16.01
C ASP A 325 19.98 -6.21 -16.36
N ILE A 326 20.08 -5.78 -17.61
CA ILE A 326 19.36 -4.57 -18.09
C ILE A 326 18.26 -5.05 -19.00
N ILE A 327 17.01 -4.81 -18.62
CA ILE A 327 15.85 -5.25 -19.45
C ILE A 327 14.88 -4.08 -19.62
N SER A 328 13.98 -4.20 -20.57
CA SER A 328 13.00 -3.15 -20.93
C SER A 328 11.66 -3.77 -21.34
N ARG A 329 10.54 -3.12 -21.05
CA ARG A 329 9.21 -3.55 -21.55
C ARG A 329 8.30 -2.34 -21.67
N LYS A 330 7.31 -2.40 -22.55
CA LYS A 330 6.40 -1.26 -22.82
C LYS A 330 5.15 -1.32 -21.95
N ASP A 331 5.02 -2.33 -21.12
CA ASP A 331 3.82 -2.41 -20.27
C ASP A 331 4.21 -2.89 -18.88
N GLN A 332 3.19 -3.17 -18.10
CA GLN A 332 3.26 -3.55 -16.68
C GLN A 332 3.40 -2.28 -15.84
N ARG A 333 3.31 -2.41 -14.53
CA ARG A 333 3.41 -1.20 -13.70
C ARG A 333 4.75 -1.28 -12.99
N GLY A 334 5.47 -0.17 -12.95
CA GLY A 334 6.78 -0.10 -12.28
C GLY A 334 6.69 -0.32 -10.79
N SER A 335 7.74 -0.88 -10.25
CA SER A 335 7.81 -1.29 -8.83
C SER A 335 7.72 -0.15 -7.83
N GLY A 336 8.75 0.69 -7.85
CA GLY A 336 8.84 1.74 -6.82
C GLY A 336 8.30 3.08 -7.22
N GLN A 337 7.76 3.23 -8.41
CA GLN A 337 7.33 4.55 -8.91
C GLN A 337 6.34 5.23 -7.96
N VAL A 338 6.41 6.55 -7.92
CA VAL A 338 5.64 7.49 -7.06
C VAL A 338 4.15 7.48 -7.37
N GLY A 339 3.82 7.29 -8.63
CA GLY A 339 2.40 7.36 -9.01
C GLY A 339 1.75 6.03 -8.94
N THR A 340 2.46 5.02 -8.50
CA THR A 340 1.93 3.64 -8.54
C THR A 340 0.68 3.47 -7.69
N TYR A 341 0.66 3.96 -6.46
CA TYR A 341 -0.55 3.74 -5.64
C TYR A 341 -1.74 4.46 -6.25
N GLY A 342 -1.55 5.69 -6.66
CA GLY A 342 -2.66 6.46 -7.24
C GLY A 342 -3.14 5.91 -8.56
N LEU A 343 -2.24 5.58 -9.45
CA LEU A 343 -2.64 5.03 -10.76
C LEU A 343 -3.29 3.66 -10.58
N ASN A 344 -2.79 2.85 -9.67
CA ASN A 344 -3.42 1.54 -9.40
C ASN A 344 -4.82 1.76 -8.86
N THR A 345 -4.97 2.71 -7.96
CA THR A 345 -6.30 3.00 -7.40
C THR A 345 -7.22 3.46 -8.50
N PHE A 346 -6.75 4.35 -9.36
CA PHE A 346 -7.58 4.85 -10.48
C PHE A 346 -7.98 3.71 -11.41
N THR A 347 -7.06 2.85 -11.78
CA THR A 347 -7.37 1.73 -12.70
C THR A 347 -8.33 0.74 -12.04
N ASN A 348 -8.15 0.48 -10.76
CA ASN A 348 -9.05 -0.45 -10.06
C ASN A 348 -10.46 0.14 -10.01
N MET A 349 -10.58 1.43 -9.79
CA MET A 349 -11.91 2.06 -9.74
C MET A 349 -12.59 1.89 -11.09
N GLU A 350 -11.85 2.12 -12.17
CA GLU A 350 -12.38 1.99 -13.53
C GLU A 350 -12.83 0.56 -13.79
N ALA A 351 -12.00 -0.42 -13.45
CA ALA A 351 -12.33 -1.84 -13.69
C ALA A 351 -13.56 -2.26 -12.90
N GLN A 352 -13.64 -1.89 -11.63
CA GLN A 352 -14.79 -2.25 -10.78
C GLN A 352 -16.05 -1.59 -11.33
N LEU A 353 -15.97 -0.37 -11.81
CA LEU A 353 -17.16 0.27 -12.39
C LEU A 353 -17.56 -0.54 -13.60
N VAL A 354 -16.60 -0.97 -14.40
CA VAL A 354 -16.89 -1.76 -15.62
C VAL A 354 -17.53 -3.09 -15.20
N ARG A 355 -17.02 -3.70 -14.16
CA ARG A 355 -17.63 -4.95 -13.70
C ARG A 355 -19.06 -4.70 -13.23
N GLN A 356 -19.32 -3.60 -12.55
CA GLN A 356 -20.69 -3.27 -12.11
C GLN A 356 -21.58 -3.07 -13.32
N MET A 357 -21.08 -2.44 -14.37
CA MET A 357 -21.88 -2.19 -15.59
C MET A 357 -22.28 -3.53 -16.22
N GLU A 358 -21.37 -4.47 -16.30
CA GLU A 358 -21.62 -5.82 -16.86
C GLU A 358 -22.63 -6.54 -15.98
N GLY A 359 -22.51 -6.32 -14.68
CA GLY A 359 -23.39 -6.92 -13.67
C GLY A 359 -24.80 -6.46 -13.85
N GLU A 360 -24.97 -5.22 -14.25
CA GLU A 360 -26.31 -4.63 -14.42
C GLU A 360 -26.84 -4.92 -15.82
N GLY A 361 -26.09 -5.62 -16.64
CA GLY A 361 -26.57 -5.94 -17.99
C GLY A 361 -26.32 -4.83 -18.97
N VAL A 362 -25.60 -3.80 -18.55
CA VAL A 362 -25.24 -2.68 -19.46
C VAL A 362 -24.25 -3.18 -20.50
N LEU A 363 -23.34 -4.06 -20.13
CA LEU A 363 -22.35 -4.55 -21.10
C LEU A 363 -22.58 -6.02 -21.33
N THR A 364 -22.47 -6.44 -22.56
CA THR A 364 -22.66 -7.85 -22.93
C THR A 364 -21.44 -8.33 -23.68
N LYS A 365 -21.42 -9.62 -23.98
CA LYS A 365 -20.28 -10.19 -24.70
C LYS A 365 -20.17 -9.50 -26.04
N ALA A 366 -21.30 -9.27 -26.70
CA ALA A 366 -21.28 -8.65 -28.02
C ALA A 366 -20.70 -7.25 -27.91
N ASP A 367 -21.05 -6.54 -26.85
CA ASP A 367 -20.52 -5.17 -26.69
C ASP A 367 -19.01 -5.22 -26.57
N LEU A 368 -18.47 -6.18 -25.82
CA LEU A 368 -17.01 -6.27 -25.63
C LEU A 368 -16.29 -6.55 -26.94
N GLU A 369 -16.90 -7.25 -27.86
CA GLU A 369 -16.20 -7.60 -29.11
C GLU A 369 -16.45 -6.57 -30.19
N ASN A 370 -17.35 -5.66 -29.94
CA ASN A 370 -17.77 -4.71 -30.98
C ASN A 370 -16.79 -3.56 -31.13
N PRO A 371 -16.16 -3.42 -32.30
CA PRO A 371 -15.25 -2.34 -32.58
C PRO A 371 -15.98 -1.02 -32.84
N HIS A 372 -17.28 -1.07 -33.07
CA HIS A 372 -18.04 0.16 -33.37
C HIS A 372 -19.07 0.41 -32.28
N LEU A 373 -18.76 0.03 -31.06
CA LEU A 373 -19.65 0.17 -29.89
C LEU A 373 -20.05 1.62 -29.70
N LEU A 374 -21.32 1.84 -29.42
CA LEU A 374 -21.88 3.19 -29.20
C LEU A 374 -21.67 3.62 -27.76
N GLU A 375 -21.19 4.83 -27.59
CA GLU A 375 -20.85 5.47 -26.31
C GLU A 375 -22.09 5.77 -25.49
N LYS A 376 -23.22 5.99 -26.13
CA LYS A 376 -24.36 6.61 -25.40
C LYS A 376 -24.80 5.82 -24.19
N LYS A 377 -24.92 4.52 -24.26
CA LYS A 377 -25.40 3.80 -23.07
C LYS A 377 -24.41 3.87 -21.91
N ILE A 378 -23.13 3.81 -22.20
CA ILE A 378 -22.08 3.90 -21.16
C ILE A 378 -22.09 5.30 -20.57
N THR A 379 -22.13 6.30 -21.41
CA THR A 379 -22.13 7.68 -20.92
C THR A 379 -23.36 7.89 -20.05
N GLN A 380 -24.51 7.37 -20.45
CA GLN A 380 -25.72 7.56 -19.64
C GLN A 380 -25.59 6.85 -18.31
N TRP A 381 -25.08 5.62 -18.29
CA TRP A 381 -24.93 4.92 -17.00
C TRP A 381 -23.95 5.69 -16.14
N LEU A 382 -22.82 6.10 -16.67
CA LEU A 382 -21.87 6.82 -15.81
C LEU A 382 -22.46 8.14 -15.33
N GLU A 383 -23.11 8.89 -16.19
CA GLU A 383 -23.62 10.21 -15.79
C GLU A 383 -24.71 10.14 -14.75
N THR A 384 -25.61 9.18 -14.85
CA THR A 384 -26.73 9.10 -13.89
C THR A 384 -26.44 8.23 -12.67
N LYS A 385 -25.62 7.19 -12.80
CA LYS A 385 -25.41 6.30 -11.65
C LYS A 385 -23.94 6.17 -11.28
N GLY A 386 -23.03 6.73 -12.04
CA GLY A 386 -21.61 6.49 -11.77
C GLY A 386 -21.13 6.89 -10.40
N VAL A 387 -21.49 8.05 -9.92
CA VAL A 387 -21.00 8.43 -8.56
C VAL A 387 -21.62 7.51 -7.51
N GLU A 388 -22.87 7.15 -7.64
CA GLU A 388 -23.49 6.28 -6.64
C GLU A 388 -22.74 4.94 -6.62
N ARG A 389 -22.41 4.42 -7.78
CA ARG A 389 -21.71 3.12 -7.88
C ARG A 389 -20.32 3.22 -7.27
N LEU A 390 -19.68 4.37 -7.40
CA LEU A 390 -18.34 4.63 -6.82
C LEU A 390 -18.44 4.58 -5.30
N LYS A 391 -19.56 5.04 -4.79
CA LYS A 391 -19.83 5.16 -3.34
C LYS A 391 -20.01 3.79 -2.71
N ARG A 392 -20.18 2.76 -3.53
CA ARG A 392 -20.36 1.40 -3.00
C ARG A 392 -19.03 0.68 -2.87
N MET A 393 -17.93 1.36 -3.02
CA MET A 393 -16.64 0.64 -3.01
C MET A 393 -15.61 1.31 -2.11
N ALA A 394 -14.68 0.52 -1.62
CA ALA A 394 -13.50 1.00 -0.90
C ALA A 394 -12.32 0.46 -1.71
N ILE A 395 -11.55 1.33 -2.30
CA ILE A 395 -10.44 0.88 -3.17
C ILE A 395 -9.15 1.55 -2.78
N SER A 396 -8.13 0.74 -2.51
CA SER A 396 -6.76 1.17 -2.20
C SER A 396 -5.81 0.38 -3.10
N GLY A 397 -5.35 0.98 -4.18
CA GLY A 397 -4.48 0.22 -5.08
C GLY A 397 -5.19 -1.00 -5.60
N ASP A 398 -4.64 -2.17 -5.37
CA ASP A 398 -5.30 -3.40 -5.88
C ASP A 398 -6.28 -3.96 -4.86
N ASP A 399 -6.47 -3.31 -3.72
CA ASP A 399 -7.44 -3.82 -2.73
C ASP A 399 -8.79 -3.20 -3.01
N CYS A 400 -9.81 -4.01 -3.14
CA CYS A 400 -11.14 -3.42 -3.37
C CYS A 400 -12.19 -4.19 -2.63
N VAL A 401 -13.22 -3.48 -2.23
CA VAL A 401 -14.43 -4.06 -1.62
C VAL A 401 -15.55 -3.46 -2.44
N VAL A 402 -16.44 -4.27 -2.96
CA VAL A 402 -17.53 -3.71 -3.77
C VAL A 402 -18.84 -4.24 -3.25
N LYS A 403 -19.80 -3.37 -3.07
CA LYS A 403 -21.14 -3.84 -2.72
C LYS A 403 -22.03 -3.47 -3.88
N PRO A 404 -22.23 -4.34 -4.87
CA PRO A 404 -23.05 -4.02 -6.02
C PRO A 404 -24.55 -3.97 -5.69
N ILE A 405 -25.34 -3.49 -6.62
CA ILE A 405 -26.81 -3.39 -6.40
C ILE A 405 -27.43 -4.76 -6.22
N ASP A 406 -26.83 -5.79 -6.76
CA ASP A 406 -27.37 -7.17 -6.59
C ASP A 406 -26.26 -8.19 -6.78
N ASP A 407 -26.59 -9.45 -6.79
CA ASP A 407 -25.60 -10.55 -6.82
C ASP A 407 -25.27 -11.00 -8.23
N ARG A 408 -25.75 -10.29 -9.23
CA ARG A 408 -25.44 -10.59 -10.64
C ARG A 408 -23.95 -10.35 -10.86
N PHE A 409 -23.38 -9.48 -10.05
CA PHE A 409 -21.96 -9.06 -10.09
C PHE A 409 -21.05 -10.25 -9.86
N ALA A 410 -21.53 -11.24 -9.14
CA ALA A 410 -20.70 -12.42 -8.84
C ALA A 410 -20.31 -13.15 -10.12
N ASN A 411 -21.20 -13.15 -11.09
CA ASN A 411 -20.93 -13.88 -12.35
C ASN A 411 -20.57 -12.92 -13.47
N ALA A 412 -20.42 -11.64 -13.19
CA ALA A 412 -20.06 -10.73 -14.29
C ALA A 412 -18.56 -10.78 -14.43
N LEU A 413 -18.06 -11.70 -15.22
CA LEU A 413 -16.61 -11.89 -15.30
C LEU A 413 -16.04 -11.65 -16.70
N LEU A 414 -16.86 -11.41 -17.71
CA LEU A 414 -16.29 -11.30 -19.06
C LEU A 414 -15.32 -10.12 -19.18
N ALA A 415 -15.76 -8.95 -18.81
CA ALA A 415 -14.94 -7.72 -18.88
C ALA A 415 -13.75 -7.79 -17.92
N LEU A 416 -13.94 -8.29 -16.71
CA LEU A 416 -12.84 -8.33 -15.75
C LEU A 416 -11.73 -9.23 -16.29
N ASN A 417 -12.09 -10.40 -16.78
CA ASN A 417 -11.08 -11.30 -17.36
C ASN A 417 -10.48 -10.67 -18.60
N ASP A 418 -11.31 -10.05 -19.42
CA ASP A 418 -10.86 -9.42 -20.67
C ASP A 418 -9.87 -8.30 -20.43
N MET A 419 -10.03 -7.54 -19.36
CA MET A 419 -9.11 -6.42 -19.04
C MET A 419 -7.82 -6.98 -18.45
N GLY A 420 -7.77 -8.25 -18.16
CA GLY A 420 -6.54 -8.84 -17.62
C GLY A 420 -6.51 -8.90 -16.11
N LYS A 421 -7.56 -8.47 -15.46
CA LYS A 421 -7.56 -8.51 -13.99
C LYS A 421 -8.06 -9.87 -13.54
N VAL A 422 -7.27 -10.90 -13.73
CA VAL A 422 -7.72 -12.27 -13.40
C VAL A 422 -7.57 -12.51 -11.90
N ARG A 423 -8.64 -12.99 -11.28
CA ARG A 423 -8.70 -13.24 -9.82
C ARG A 423 -7.72 -14.35 -9.45
N LYS A 424 -7.12 -14.25 -8.27
CA LYS A 424 -6.12 -15.23 -7.86
C LYS A 424 -6.74 -16.44 -7.20
N ASP A 425 -6.16 -17.60 -7.49
CA ASP A 425 -6.52 -18.91 -6.89
C ASP A 425 -7.98 -19.28 -7.10
N ILE A 426 -8.49 -19.10 -8.29
CA ILE A 426 -9.88 -19.53 -8.56
C ILE A 426 -10.00 -19.70 -10.06
N PRO A 427 -10.73 -20.70 -10.55
CA PRO A 427 -10.91 -20.84 -11.96
C PRO A 427 -11.50 -19.53 -12.44
N GLN A 428 -11.13 -19.12 -13.63
CA GLN A 428 -11.46 -17.82 -14.24
C GLN A 428 -12.97 -17.62 -14.33
N TRP A 429 -13.73 -18.68 -14.50
CA TRP A 429 -15.19 -18.52 -14.72
C TRP A 429 -16.03 -18.92 -13.52
N GLN A 430 -15.41 -19.34 -12.42
CA GLN A 430 -16.15 -19.64 -11.19
C GLN A 430 -16.66 -18.33 -10.58
N PRO A 431 -17.91 -18.24 -10.15
CA PRO A 431 -18.42 -17.03 -9.57
C PRO A 431 -17.72 -16.63 -8.27
N SER A 432 -17.63 -15.34 -8.05
CA SER A 432 -16.97 -14.77 -6.85
C SER A 432 -17.80 -15.12 -5.61
N LYS A 433 -17.14 -15.31 -4.50
CA LYS A 433 -17.91 -15.54 -3.26
C LYS A 433 -17.96 -14.23 -2.49
N GLY A 434 -19.16 -13.74 -2.21
CA GLY A 434 -19.37 -12.50 -1.45
C GLY A 434 -19.63 -12.76 0.02
N TRP A 435 -19.64 -11.72 0.82
CA TRP A 435 -19.89 -11.88 2.26
C TRP A 435 -21.11 -11.10 2.69
N HIS A 436 -21.92 -11.68 3.54
CA HIS A 436 -23.13 -11.00 4.04
C HIS A 436 -22.84 -10.29 5.35
N ASP A 437 -21.65 -10.47 5.90
CA ASP A 437 -21.28 -9.73 7.12
C ASP A 437 -20.07 -8.90 6.76
N TRP A 438 -20.13 -7.60 6.98
CA TRP A 438 -19.02 -6.68 6.65
C TRP A 438 -17.83 -7.03 7.50
N GLN A 439 -18.06 -7.68 8.63
CA GLN A 439 -17.00 -8.08 9.58
C GLN A 439 -16.19 -9.26 9.06
N GLN A 440 -16.68 -9.96 8.06
CA GLN A 440 -15.89 -11.08 7.53
C GLN A 440 -15.10 -10.61 6.31
N VAL A 441 -15.37 -9.42 5.80
CA VAL A 441 -14.68 -8.97 4.57
C VAL A 441 -13.20 -8.70 4.82
N PRO A 442 -12.30 -9.24 4.00
CA PRO A 442 -10.89 -8.94 4.11
C PRO A 442 -10.54 -7.68 3.31
N PHE A 443 -9.78 -6.78 3.90
CA PHE A 443 -9.36 -5.57 3.18
C PHE A 443 -8.05 -5.08 3.78
N CYS A 444 -7.07 -4.85 2.92
CA CYS A 444 -5.76 -4.32 3.31
C CYS A 444 -5.15 -5.17 4.40
N SER A 445 -5.32 -6.48 4.31
CA SER A 445 -4.76 -7.47 5.25
C SER A 445 -5.52 -7.58 6.56
N HIS A 446 -6.75 -7.07 6.69
CA HIS A 446 -7.38 -7.09 8.03
C HIS A 446 -8.85 -7.54 8.07
N HIS A 447 -9.26 -8.06 9.24
CA HIS A 447 -10.61 -8.42 9.79
C HIS A 447 -11.09 -7.07 10.42
N PHE A 448 -12.35 -6.71 10.38
CA PHE A 448 -12.77 -5.54 11.19
C PHE A 448 -13.85 -5.99 12.17
N HIS A 449 -13.48 -6.06 13.44
CA HIS A 449 -14.35 -6.63 14.49
C HIS A 449 -15.17 -5.43 15.07
N GLU A 450 -16.46 -5.50 15.35
CA GLU A 450 -17.21 -4.35 15.97
C GLU A 450 -17.31 -4.59 17.49
N LEU A 451 -17.02 -3.60 18.31
CA LEU A 451 -16.93 -3.85 19.77
C LEU A 451 -17.81 -2.94 20.60
N ILE A 452 -18.29 -3.47 21.70
CA ILE A 452 -19.14 -2.66 22.60
C ILE A 452 -18.34 -2.35 23.85
N MET A 453 -18.16 -1.09 24.15
CA MET A 453 -17.43 -0.73 25.37
C MET A 453 -18.34 -0.94 26.58
N LYS A 454 -17.76 -0.95 27.76
CA LYS A 454 -18.50 -1.14 29.02
C LYS A 454 -19.52 -0.04 29.16
N ASP A 455 -19.22 1.14 28.64
CA ASP A 455 -20.14 2.28 28.76
C ASP A 455 -21.23 2.24 27.69
N GLY A 456 -21.22 1.21 26.84
CA GLY A 456 -22.23 1.05 25.78
C GLY A 456 -21.85 1.68 24.46
N ARG A 457 -20.75 2.43 24.39
CA ARG A 457 -20.34 3.01 23.10
C ARG A 457 -19.70 1.91 22.25
N LYS A 458 -19.79 2.05 20.94
CA LYS A 458 -19.29 1.03 20.00
C LYS A 458 -18.06 1.50 19.22
N LEU A 459 -17.09 0.62 19.11
CA LEU A 459 -15.86 0.88 18.34
C LEU A 459 -15.81 -0.10 17.18
N VAL A 460 -15.16 0.30 16.10
CA VAL A 460 -14.91 -0.63 14.97
C VAL A 460 -13.40 -0.75 14.94
N VAL A 461 -12.87 -1.95 15.09
CA VAL A 461 -11.41 -2.14 15.22
C VAL A 461 -10.91 -3.16 14.20
N PRO A 462 -9.63 -3.12 13.85
CA PRO A 462 -9.06 -4.13 12.98
C PRO A 462 -8.34 -5.35 13.58
N CYS A 463 -8.80 -6.60 13.30
CA CYS A 463 -8.20 -7.94 13.67
C CYS A 463 -7.40 -8.41 12.44
N ARG A 464 -6.31 -9.06 12.71
CA ARG A 464 -5.51 -9.86 11.77
C ARG A 464 -4.95 -11.03 12.59
N PRO A 465 -4.58 -12.16 12.00
CA PRO A 465 -4.12 -13.27 12.78
C PRO A 465 -2.96 -12.79 13.64
N GLN A 466 -3.04 -13.11 14.93
CA GLN A 466 -2.12 -12.65 15.97
C GLN A 466 -0.69 -13.06 15.67
N ASP A 467 -0.48 -14.23 15.08
CA ASP A 467 0.88 -14.70 14.75
C ASP A 467 1.51 -13.73 13.75
N GLU A 468 0.74 -13.17 12.85
CA GLU A 468 1.34 -12.23 11.89
C GLU A 468 1.82 -10.98 12.63
N LEU A 469 1.06 -10.48 13.58
CA LEU A 469 1.51 -9.29 14.32
C LEU A 469 2.72 -9.60 15.19
N ILE A 470 2.66 -10.67 15.95
CA ILE A 470 3.80 -11.05 16.83
C ILE A 470 5.02 -11.37 15.99
N GLY A 471 4.84 -12.06 14.89
CA GLY A 471 5.96 -12.42 14.03
C GLY A 471 6.65 -11.22 13.45
N ARG A 472 5.91 -10.23 13.01
CA ARG A 472 6.57 -9.02 12.48
C ARG A 472 7.32 -8.26 13.59
N ALA A 473 6.74 -8.17 14.77
CA ALA A 473 7.29 -7.40 15.91
C ALA A 473 8.62 -7.97 16.34
N ARG A 474 8.80 -9.26 16.13
CA ARG A 474 10.00 -9.99 16.56
C ARG A 474 11.14 -9.83 15.56
N ILE A 475 10.92 -9.10 14.50
CA ILE A 475 11.99 -8.95 13.50
C ILE A 475 12.50 -7.52 13.52
N SER A 476 13.80 -7.39 13.56
CA SER A 476 14.46 -6.06 13.51
C SER A 476 14.97 -5.91 12.08
N GLN A 477 14.91 -4.72 11.52
CA GLN A 477 15.46 -4.69 10.15
C GLN A 477 16.87 -4.14 10.18
N GLY A 478 17.83 -4.97 9.77
CA GLY A 478 19.23 -4.55 9.71
C GLY A 478 20.05 -5.01 10.91
N ALA A 479 21.26 -5.45 10.60
CA ALA A 479 22.25 -5.92 11.59
C ALA A 479 23.03 -4.72 12.13
N GLY A 480 23.94 -5.00 13.06
CA GLY A 480 24.74 -3.94 13.68
C GLY A 480 23.86 -2.92 14.37
N TRP A 481 22.85 -3.38 15.10
CA TRP A 481 21.93 -2.47 15.82
C TRP A 481 22.13 -2.69 17.31
N SER A 482 22.25 -1.60 18.05
CA SER A 482 22.49 -1.64 19.51
C SER A 482 21.23 -2.06 20.25
N LEU A 483 21.36 -2.43 21.50
CA LEU A 483 20.19 -2.86 22.28
C LEU A 483 19.22 -1.68 22.38
N ARG A 484 19.75 -0.48 22.53
CA ARG A 484 18.88 0.69 22.70
C ARG A 484 18.04 0.84 21.45
N GLU A 485 18.67 0.71 20.29
CA GLU A 485 17.93 0.81 19.02
C GLU A 485 16.94 -0.34 18.96
N THR A 486 17.36 -1.51 19.39
CA THR A 486 16.46 -2.69 19.39
C THR A 486 15.31 -2.51 20.38
N ALA A 487 15.59 -2.00 21.56
CA ALA A 487 14.52 -1.79 22.54
C ALA A 487 13.53 -0.77 22.02
N CYS A 488 14.02 0.26 21.38
CA CYS A 488 13.15 1.33 20.86
C CYS A 488 12.21 0.85 19.76
N LEU A 489 12.69 0.00 18.85
CA LEU A 489 11.81 -0.56 17.81
C LEU A 489 10.76 -1.42 18.50
N GLY A 490 11.14 -2.12 19.55
CA GLY A 490 10.20 -2.97 20.28
C GLY A 490 9.10 -2.14 20.89
N LYS A 491 9.49 -0.99 21.41
CA LYS A 491 8.52 -0.07 22.03
C LYS A 491 7.55 0.41 20.96
N ALA A 492 8.06 0.68 19.78
CA ALA A 492 7.20 1.14 18.68
C ALA A 492 6.16 0.09 18.36
N TYR A 493 6.55 -1.16 18.28
CA TYR A 493 5.56 -2.24 18.03
C TYR A 493 4.58 -2.32 19.17
N ALA A 494 5.07 -2.23 20.40
CA ALA A 494 4.19 -2.34 21.58
C ALA A 494 3.16 -1.22 21.56
N GLN A 495 3.60 0.00 21.31
CA GLN A 495 2.69 1.15 21.30
C GLN A 495 1.72 1.03 20.13
N MET A 496 2.15 0.48 19.01
CA MET A 496 1.24 0.29 17.86
C MET A 496 0.17 -0.71 18.29
N TRP A 497 0.54 -1.74 19.00
CA TRP A 497 -0.46 -2.71 19.48
C TRP A 497 -1.43 -2.04 20.46
N SER A 498 -0.95 -1.14 21.31
CA SER A 498 -1.85 -0.43 22.24
C SER A 498 -2.85 0.38 21.45
N LEU A 499 -2.41 1.11 20.44
N LEU A 499 -2.46 1.03 20.48
CA LEU A 499 -3.35 1.91 19.64
CA LEU A 499 -3.40 1.83 19.68
C LEU A 499 -4.26 1.13 18.70
C LEU A 499 -4.31 1.05 18.74
N MET A 500 -3.76 0.12 18.01
CA MET A 500 -4.59 -0.54 16.99
C MET A 500 -5.06 -1.92 17.38
N TYR A 501 -4.30 -2.63 18.17
CA TYR A 501 -4.60 -4.03 18.52
C TYR A 501 -4.81 -4.23 20.01
N PHE A 502 -5.28 -3.22 20.71
CA PHE A 502 -5.52 -3.24 22.17
C PHE A 502 -6.59 -4.26 22.53
N HIS A 503 -7.39 -4.64 21.57
CA HIS A 503 -8.49 -5.58 21.85
C HIS A 503 -8.02 -7.02 21.86
N ARG A 504 -6.74 -7.29 21.63
CA ARG A 504 -6.24 -8.68 21.70
C ARG A 504 -5.56 -8.81 23.06
N ARG A 505 -6.01 -9.76 23.86
CA ARG A 505 -5.52 -9.90 25.24
C ARG A 505 -4.04 -10.14 25.28
N ASP A 506 -3.54 -11.04 24.45
CA ASP A 506 -2.09 -11.33 24.45
C ASP A 506 -1.29 -10.10 24.04
N LEU A 507 -1.72 -9.36 23.03
CA LEU A 507 -0.97 -8.18 22.57
C LEU A 507 -0.99 -7.06 23.63
N ARG A 508 -2.10 -6.86 24.29
CA ARG A 508 -2.09 -5.82 25.34
C ARG A 508 -1.11 -6.24 26.42
N LEU A 509 -1.12 -7.51 26.80
CA LEU A 509 -0.19 -7.99 27.84
C LEU A 509 1.24 -7.89 27.36
N ALA A 510 1.56 -8.37 26.18
CA ALA A 510 2.94 -8.25 25.69
C ALA A 510 3.29 -6.78 25.57
N SER A 511 2.33 -5.96 25.18
CA SER A 511 2.59 -4.52 25.00
C SER A 511 2.98 -3.91 26.35
N ASN A 512 2.27 -4.26 27.41
CA ASN A 512 2.60 -3.76 28.76
C ASN A 512 3.97 -4.28 29.18
N ALA A 513 4.28 -5.52 28.87
CA ALA A 513 5.60 -6.05 29.26
C ALA A 513 6.71 -5.29 28.55
N ILE A 514 6.58 -5.05 27.26
CA ILE A 514 7.70 -4.39 26.55
C ILE A 514 7.92 -2.99 27.12
N CYS A 515 6.85 -2.23 27.31
CA CYS A 515 6.95 -0.85 27.82
C CYS A 515 7.50 -0.82 29.24
N SER A 516 7.21 -1.85 30.01
CA SER A 516 7.76 -1.97 31.37
C SER A 516 9.26 -2.19 31.28
N ALA A 517 9.68 -2.96 30.29
CA ALA A 517 11.07 -3.36 30.05
C ALA A 517 11.95 -2.25 29.49
N VAL A 518 11.39 -1.26 28.83
CA VAL A 518 12.30 -0.27 28.21
C VAL A 518 12.12 1.08 28.87
N PRO A 519 13.18 1.90 28.97
CA PRO A 519 13.11 3.13 29.68
C PRO A 519 12.00 4.00 29.13
N VAL A 520 11.24 4.57 30.05
CA VAL A 520 10.06 5.38 29.70
C VAL A 520 10.46 6.59 28.88
N HIS A 521 11.60 7.21 29.12
N HIS A 521 11.59 7.23 29.15
CA HIS A 521 12.00 8.41 28.34
CA HIS A 521 11.96 8.44 28.37
C HIS A 521 12.44 8.06 26.92
C HIS A 521 12.42 8.10 26.94
N TRP A 522 12.85 6.84 26.71
CA TRP A 522 13.34 6.46 25.35
C TRP A 522 12.28 6.66 24.29
N VAL A 523 12.69 7.21 23.16
CA VAL A 523 11.73 7.52 22.08
C VAL A 523 11.78 6.38 21.08
N PRO A 524 10.63 5.85 20.65
CA PRO A 524 10.66 4.79 19.71
C PRO A 524 11.17 5.41 18.42
N THR A 525 12.14 4.74 17.81
CA THR A 525 12.66 5.14 16.49
C THR A 525 12.46 3.96 15.54
N SER A 526 12.43 4.26 14.26
CA SER A 526 12.29 3.24 13.20
C SER A 526 10.81 2.95 13.02
N ARG A 527 10.38 2.60 11.82
CA ARG A 527 8.95 2.38 11.54
C ARG A 527 8.56 0.93 11.78
N THR A 528 7.34 0.70 12.19
CA THR A 528 6.87 -0.68 12.37
C THR A 528 6.27 -1.17 11.05
N THR A 529 5.97 -0.24 10.16
CA THR A 529 5.34 -0.63 8.89
C THR A 529 5.55 0.44 7.83
N TRP A 530 5.48 0.05 6.57
CA TRP A 530 5.61 1.03 5.48
C TRP A 530 4.23 1.29 4.88
N SER A 531 3.23 0.72 5.50
CA SER A 531 1.86 0.82 4.97
C SER A 531 1.46 2.28 4.85
N ILE A 532 0.76 2.57 3.78
CA ILE A 532 0.21 3.91 3.48
C ILE A 532 -0.95 4.19 4.42
N HIS A 533 -1.40 3.16 5.10
CA HIS A 533 -2.54 3.29 6.02
C HIS A 533 -2.03 3.57 7.44
N ALA A 534 -0.74 3.68 7.62
CA ALA A 534 -0.21 3.91 8.97
C ALA A 534 0.08 5.38 9.21
N HIS A 535 -0.46 5.94 10.28
CA HIS A 535 -0.21 7.35 10.62
C HIS A 535 0.84 7.47 11.72
N HIS A 536 1.35 6.36 12.22
CA HIS A 536 2.45 6.38 13.20
C HIS A 536 2.16 7.20 14.45
N GLN A 537 0.95 7.09 14.98
CA GLN A 537 0.59 7.82 16.21
C GLN A 537 1.35 7.25 17.38
N TRP A 538 1.91 6.06 17.23
CA TRP A 538 2.61 5.35 18.32
C TRP A 538 4.07 5.77 18.41
N MET A 539 4.55 6.60 17.49
CA MET A 539 5.96 7.02 17.56
C MET A 539 6.07 8.23 18.48
N THR A 540 5.94 7.99 19.77
CA THR A 540 5.93 9.13 20.70
C THR A 540 6.17 8.63 22.11
N THR A 541 6.51 9.53 23.01
CA THR A 541 6.66 9.16 24.44
C THR A 541 5.46 9.70 25.21
N GLU A 542 4.49 10.21 24.48
CA GLU A 542 3.24 10.69 25.11
C GLU A 542 2.52 9.47 25.67
N ASP A 543 1.73 9.66 26.70
CA ASP A 543 1.02 8.55 27.35
C ASP A 543 0.10 7.89 26.33
N MET A 544 0.18 6.57 26.19
CA MET A 544 -0.57 5.83 25.15
C MET A 544 -2.09 5.96 25.32
N LEU A 545 -2.56 6.00 26.56
CA LEU A 545 -4.02 6.16 26.81
C LEU A 545 -4.47 7.52 26.30
N THR A 546 -3.62 8.53 26.42
CA THR A 546 -3.97 9.86 25.92
C THR A 546 -4.06 9.80 24.41
N VAL A 547 -3.11 9.13 23.79
CA VAL A 547 -3.14 8.94 22.32
C VAL A 547 -4.37 8.11 21.97
N TRP A 548 -4.67 7.07 22.75
CA TRP A 548 -5.82 6.21 22.42
C TRP A 548 -7.09 7.04 22.41
N ASN A 549 -7.25 7.89 23.40
CA ASN A 549 -8.45 8.77 23.50
C ASN A 549 -8.52 9.73 22.33
N ARG A 550 -7.41 10.26 21.91
CA ARG A 550 -7.41 11.20 20.77
C ARG A 550 -7.83 10.48 19.50
N VAL A 551 -7.21 9.35 19.22
CA VAL A 551 -7.52 8.58 18.00
C VAL A 551 -8.92 7.97 18.01
N TRP A 552 -9.31 7.30 19.08
CA TRP A 552 -10.60 6.59 19.06
C TRP A 552 -11.79 7.43 19.51
N ILE A 553 -11.57 8.53 20.21
CA ILE A 553 -12.76 9.30 20.69
C ILE A 553 -12.76 10.71 20.13
N GLU A 554 -11.76 11.48 20.48
CA GLU A 554 -11.74 12.92 20.14
C GLU A 554 -11.78 13.18 18.64
N GLU A 555 -10.90 12.56 17.89
CA GLU A 555 -10.81 12.82 16.43
C GLU A 555 -11.58 11.78 15.64
N ASN A 556 -12.39 10.99 16.29
CA ASN A 556 -13.13 9.92 15.60
C ASN A 556 -14.46 10.45 15.13
N PRO A 557 -14.66 10.63 13.81
CA PRO A 557 -15.91 11.11 13.29
C PRO A 557 -17.06 10.14 13.54
N TRP A 558 -16.79 8.87 13.81
CA TRP A 558 -17.89 7.93 14.03
C TRP A 558 -18.22 7.82 15.51
N MET A 559 -17.56 8.57 16.35
CA MET A 559 -17.87 8.56 17.79
C MET A 559 -18.57 9.86 18.16
N GLU A 560 -19.89 9.87 18.26
CA GLU A 560 -20.67 11.10 18.62
C GLU A 560 -20.42 11.52 20.07
N ASP A 561 -20.39 10.58 21.00
CA ASP A 561 -20.14 10.91 22.42
C ASP A 561 -18.64 11.07 22.63
N LYS A 562 -18.23 12.26 23.01
CA LYS A 562 -16.81 12.61 23.14
C LYS A 562 -16.29 12.40 24.56
N THR A 563 -17.02 11.69 25.39
CA THR A 563 -16.56 11.53 26.78
C THR A 563 -15.25 10.75 26.78
N PRO A 564 -14.17 11.27 27.37
CA PRO A 564 -12.94 10.55 27.44
C PRO A 564 -12.95 9.29 28.31
N VAL A 565 -12.03 8.39 28.01
CA VAL A 565 -11.85 7.13 28.76
C VAL A 565 -10.70 7.36 29.71
N THR A 566 -10.92 7.15 31.00
CA THR A 566 -9.89 7.51 31.98
C THR A 566 -9.03 6.31 32.34
N THR A 567 -9.45 5.13 31.94
CA THR A 567 -8.60 4.00 32.33
C THR A 567 -8.61 2.97 31.21
N TRP A 568 -7.51 2.21 31.14
CA TRP A 568 -7.31 1.07 30.22
C TRP A 568 -8.32 0.00 30.58
N GLU A 569 -8.85 0.07 31.78
CA GLU A 569 -9.87 -0.88 32.23
C GLU A 569 -11.14 -0.63 31.44
N ASN A 570 -11.33 0.57 30.94
CA ASN A 570 -12.57 0.83 30.18
C ASN A 570 -12.31 0.67 28.68
N VAL A 571 -11.12 0.24 28.29
CA VAL A 571 -10.81 -0.01 26.86
C VAL A 571 -11.11 -1.48 26.62
N PRO A 572 -12.05 -1.82 25.73
CA PRO A 572 -12.49 -3.16 25.58
C PRO A 572 -11.60 -4.13 24.81
N TYR A 573 -11.90 -5.37 25.05
CA TYR A 573 -11.26 -6.48 24.36
C TYR A 573 -12.31 -7.11 23.47
N LEU A 574 -11.84 -7.88 22.53
CA LEU A 574 -12.70 -8.69 21.67
C LEU A 574 -13.37 -9.72 22.56
N GLY A 575 -14.44 -10.31 22.09
CA GLY A 575 -15.00 -11.40 22.89
C GLY A 575 -13.98 -12.50 22.95
N LYS A 576 -13.98 -13.28 24.03
CA LYS A 576 -13.00 -14.35 24.24
C LYS A 576 -13.05 -15.37 23.10
N ARG A 577 -14.24 -15.70 22.62
CA ARG A 577 -14.34 -16.68 21.51
C ARG A 577 -13.64 -16.13 20.27
N GLU A 578 -13.95 -14.89 19.91
CA GLU A 578 -13.36 -14.23 18.73
C GLU A 578 -11.87 -14.07 18.89
N ASP A 579 -11.42 -13.70 20.07
CA ASP A 579 -9.98 -13.52 20.29
C ASP A 579 -9.33 -14.87 20.02
N GLN A 580 -9.91 -15.95 20.51
CA GLN A 580 -9.36 -17.31 20.28
C GLN A 580 -9.41 -17.69 18.81
N TRP A 581 -10.50 -17.38 18.13
CA TRP A 581 -10.63 -17.63 16.69
C TRP A 581 -9.56 -16.86 15.92
N CYS A 582 -9.14 -15.71 16.43
CA CYS A 582 -8.19 -14.88 15.68
C CYS A 582 -6.75 -15.12 16.11
N GLY A 583 -6.48 -16.24 16.77
CA GLY A 583 -5.12 -16.65 17.14
C GLY A 583 -4.72 -16.53 18.59
N SER A 584 -5.59 -16.11 19.47
CA SER A 584 -5.15 -15.94 20.87
C SER A 584 -4.71 -17.24 21.50
N LEU A 585 -3.68 -17.17 22.34
CA LEU A 585 -3.21 -18.37 23.06
C LEU A 585 -3.89 -18.42 24.42
N ILE A 586 -4.79 -17.48 24.70
CA ILE A 586 -5.50 -17.46 26.00
C ILE A 586 -6.21 -18.81 26.20
N GLY A 587 -6.12 -19.34 27.40
CA GLY A 587 -6.72 -20.65 27.71
C GLY A 587 -5.69 -21.77 27.71
N LEU A 588 -4.53 -21.56 27.11
CA LEU A 588 -3.47 -22.57 27.14
C LEU A 588 -2.66 -22.30 28.40
N THR A 589 -2.21 -23.35 29.08
CA THR A 589 -1.46 -23.22 30.35
C THR A 589 -0.16 -22.50 30.09
N SER A 590 0.43 -22.72 28.93
CA SER A 590 1.71 -22.09 28.56
C SER A 590 1.53 -20.58 28.54
N ARG A 591 0.37 -20.10 28.13
CA ARG A 591 0.08 -18.66 28.15
C ARG A 591 0.00 -18.19 29.60
N ALA A 592 -0.68 -18.96 30.43
CA ALA A 592 -0.85 -18.62 31.87
C ALA A 592 0.51 -18.63 32.54
N THR A 593 1.35 -19.56 32.17
CA THR A 593 2.69 -19.60 32.78
C THR A 593 3.42 -18.32 32.41
N TRP A 594 3.36 -17.94 31.15
CA TRP A 594 4.02 -16.72 30.65
C TRP A 594 3.44 -15.52 31.35
N ALA A 595 2.14 -15.46 31.48
CA ALA A 595 1.55 -14.29 32.13
C ALA A 595 2.04 -14.21 33.57
N GLN A 596 2.10 -15.34 34.27
CA GLN A 596 2.53 -15.35 35.69
C GLN A 596 3.99 -14.96 35.79
N ASN A 597 4.82 -15.42 34.86
CA ASN A 597 6.29 -15.23 34.98
C ASN A 597 6.80 -14.04 34.18
N ILE A 598 5.91 -13.20 33.69
CA ILE A 598 6.30 -12.05 32.83
C ILE A 598 7.15 -11.04 33.61
N PRO A 599 6.87 -10.73 34.88
CA PRO A 599 7.62 -9.72 35.61
C PRO A 599 9.09 -10.14 35.70
N THR A 600 9.32 -11.43 35.83
CA THR A 600 10.70 -11.92 35.92
C THR A 600 11.42 -11.57 34.64
N ALA A 601 10.81 -11.84 33.50
CA ALA A 601 11.50 -11.55 32.22
C ALA A 601 11.70 -10.05 32.04
N ILE A 602 10.74 -9.25 32.48
CA ILE A 602 10.88 -7.78 32.36
C ILE A 602 12.09 -7.35 33.16
N GLN A 603 12.24 -7.89 34.37
CA GLN A 603 13.41 -7.55 35.22
C GLN A 603 14.66 -7.98 34.47
N GLN A 604 14.63 -9.13 33.82
CA GLN A 604 15.84 -9.58 33.11
C GLN A 604 16.22 -8.56 32.04
N VAL A 605 15.25 -8.05 31.31
CA VAL A 605 15.57 -7.06 30.25
C VAL A 605 16.07 -5.78 30.90
N ARG A 606 15.44 -5.37 31.98
CA ARG A 606 15.83 -4.10 32.61
C ARG A 606 17.28 -4.19 33.06
N SER A 607 17.67 -5.31 33.64
CA SER A 607 19.06 -5.44 34.14
C SER A 607 20.08 -5.34 33.01
N LEU A 608 19.76 -5.91 31.86
CA LEU A 608 20.70 -5.83 30.72
C LEU A 608 20.77 -4.42 30.17
N ILE A 609 19.63 -3.76 30.11
CA ILE A 609 19.61 -2.38 29.60
C ILE A 609 20.41 -1.48 30.55
N GLY A 610 20.24 -1.67 31.85
CA GLY A 610 21.04 -0.86 32.78
C GLY A 610 20.23 -0.05 33.76
N ASN A 611 20.89 0.85 34.47
CA ASN A 611 20.19 1.70 35.46
C ASN A 611 19.60 2.92 34.74
N GLU A 612 18.36 2.77 34.29
CA GLU A 612 17.58 3.85 33.65
C GLU A 612 16.22 3.93 34.33
N GLU A 613 15.38 4.88 33.99
CA GLU A 613 14.15 4.84 34.78
C GLU A 613 13.05 4.15 33.99
N PHE A 614 12.45 3.14 34.62
CA PHE A 614 11.38 2.31 34.02
C PHE A 614 10.08 2.54 34.77
N LEU A 615 8.97 2.10 34.19
CA LEU A 615 7.62 2.15 34.82
C LEU A 615 7.02 0.75 34.73
N ASP A 616 6.19 0.35 35.69
CA ASP A 616 5.52 -0.96 35.65
C ASP A 616 4.12 -0.71 35.08
N TYR A 617 3.75 -1.40 34.00
CA TYR A 617 2.43 -1.18 33.36
C TYR A 617 1.57 -2.42 33.50
N MET A 618 1.96 -3.34 34.36
CA MET A 618 1.12 -4.54 34.50
C MET A 618 0.07 -4.30 35.59
C1 5V5 B . 1.81 -5.09 7.58
C2 5V5 B . 0.60 -4.13 7.50
C3 5V5 B . -0.32 -4.18 6.47
O1 5V5 B . -2.65 -1.42 7.39
O2 5V5 B . 3.02 -3.41 6.34
C11 5V5 B . -1.29 0.90 10.96
C12 5V5 B . 0.44 -3.15 8.47
O 5V5 B . 4.14 -4.43 7.91
C 5V5 B . 3.06 -4.28 7.26
C4 5V5 B . -1.39 -3.32 6.38
C5 5V5 B . -1.56 -2.33 7.39
C6 5V5 B . -3.56 -1.47 6.31
C7 5V5 B . -0.64 -2.28 8.44
C8 5V5 B . -0.79 -1.23 9.54
C9 5V5 B . -0.45 -1.36 10.89
C10 5V5 B . -0.73 -0.19 11.68
S 5V5 B . -1.40 0.33 9.35
ZN ZN C . 14.74 10.69 -17.45
ZN ZN D . -10.24 -10.70 14.37
C1 PEG E . -23.68 10.86 27.58
O1 PEG E . -24.11 9.76 28.34
C2 PEG E . -24.43 12.10 28.03
O2 PEG E . -24.45 12.98 26.94
C3 PEG E . -23.25 13.71 26.78
C4 PEG E . -22.86 13.71 25.30
O4 PEG E . -22.44 15.00 24.96
C1 PEG F . -21.14 -4.85 -35.42
O1 PEG F . -19.81 -5.29 -35.29
C2 PEG F . -21.04 -3.36 -35.72
O2 PEG F . -22.31 -2.80 -35.52
C3 PEG F . -22.33 -1.40 -35.60
C4 PEG F . -23.46 -0.89 -34.69
O4 PEG F . -23.08 -1.15 -33.35
C1 PEG G . -20.93 10.48 10.43
O1 PEG G . -20.16 11.43 11.11
C2 PEG G . -19.96 9.62 9.65
O2 PEG G . -18.80 10.36 9.41
C3 PEG G . -18.34 10.21 8.07
C4 PEG G . -16.84 10.48 8.06
O4 PEG G . -16.53 11.84 7.77
C1 PEG H . -31.22 -0.10 -5.28
O1 PEG H . -30.48 0.32 -4.14
C2 PEG H . -30.46 0.19 -6.59
O2 PEG H . -30.10 1.55 -6.67
C3 PEG H . -30.65 2.21 -7.78
C4 PEG H . -29.63 3.09 -8.54
O4 PEG H . -29.34 4.26 -7.82
C1 PEG I . -7.96 -11.86 6.86
O1 PEG I . -6.94 -10.99 7.31
C2 PEG I . -9.26 -11.55 7.62
O2 PEG I . -10.46 -12.03 6.99
C3 PEG I . -11.31 -12.92 7.72
C4 PEG I . -11.64 -14.13 6.82
O4 PEG I . -12.90 -14.69 7.13
#